data_4GG5
#
_entry.id   4GG5
#
_cell.length_a   65.641
_cell.length_b   65.641
_cell.length_c   186.174
_cell.angle_alpha   90.000
_cell.angle_beta   90.000
_cell.angle_gamma   90.000
#
_symmetry.space_group_name_H-M   'P 41 21 2'
#
loop_
_entity.id
_entity.type
_entity.pdbx_description
1 polymer 'Hepatocyte growth factor receptor'
2 non-polymer 3-(4-methylpiperazin-1-yl)-N-(3-nitrobenzyl)-7-(trifluoromethyl)quinolin-5-amine
3 water water
#
_entity_poly.entity_id   1
_entity_poly.type   'polypeptide(L)'
_entity_poly.pdbx_seq_one_letter_code
;MGSSHHHHHHGDSDISSPLLQNTVHIDLSALNPELVQAVQHVVIGPSSLIVHFNEVIGRGHFGCVYHGTLLDNDGKKIHC
AVKSLNRITDIGEVSQFLTEGIIMKDFSHPNVLSLLGICLRSEGSPLVVLPYMKHGDLRNFIRNETHNPTVKDLIGFGLQ
VAKGMKYLASKKFVHRDLAARNCMLDEKFTVKVADFGLARDMYDKEYYSVHNKTGAKLPVKWMALESLQTQKFTTKSDVW
SFGVLLWELMTRGAPPYPDVNTFDITVYLLQGRRLLQPEYCPDPLYEVMLKCWHPKAEMRPSFSELVSRISAIFSTFIG
;
_entity_poly.pdbx_strand_id   A
#
loop_
_chem_comp.id
_chem_comp.type
_chem_comp.name
_chem_comp.formula
0J3 non-polymer 3-(4-methylpiperazin-1-yl)-N-(3-nitrobenzyl)-7-(trifluoromethyl)quinolin-5-amine 'C22 H22 F3 N5 O2'
#
# COMPACT_ATOMS: atom_id res chain seq x y z
N GLN A 37 10.31 -15.77 19.08
CA GLN A 37 11.57 -15.83 19.80
C GLN A 37 12.71 -16.28 18.89
N ALA A 38 12.39 -17.18 17.96
CA ALA A 38 13.37 -17.67 17.00
C ALA A 38 13.50 -16.69 15.84
N VAL A 39 13.73 -15.43 16.18
CA VAL A 39 13.77 -14.34 15.20
C VAL A 39 15.19 -14.13 14.68
N GLN A 40 16.14 -14.89 15.20
CA GLN A 40 17.57 -14.62 15.00
C GLN A 40 17.98 -14.42 13.54
N HIS A 41 17.33 -15.11 12.61
CA HIS A 41 17.74 -14.98 11.22
C HIS A 41 17.34 -13.63 10.59
N VAL A 42 16.80 -12.72 11.40
CA VAL A 42 16.38 -11.43 10.91
C VAL A 42 17.04 -10.28 11.69
N VAL A 43 17.79 -10.63 12.72
CA VAL A 43 18.43 -9.62 13.56
C VAL A 43 19.64 -8.99 12.87
N ILE A 44 19.70 -7.66 12.91
CA ILE A 44 20.84 -6.93 12.36
C ILE A 44 21.73 -6.44 13.50
N GLY A 45 23.04 -6.63 13.34
CA GLY A 45 24.00 -6.14 14.30
C GLY A 45 23.95 -4.64 14.39
N PRO A 46 23.82 -4.10 15.61
CA PRO A 46 23.67 -2.65 15.79
C PRO A 46 24.86 -1.88 15.22
N SER A 47 26.05 -2.48 15.28
CA SER A 47 27.25 -1.88 14.71
C SER A 47 27.27 -2.05 13.20
N SER A 48 26.21 -2.63 12.66
CA SER A 48 26.12 -2.84 11.23
C SER A 48 25.07 -1.92 10.59
N LEU A 49 24.50 -1.04 11.41
CA LEU A 49 23.47 -0.12 10.94
C LEU A 49 23.64 1.33 11.42
N ILE A 50 23.59 2.30 10.51
CA ILE A 50 23.63 3.69 10.95
C ILE A 50 22.31 4.44 10.75
N VAL A 51 21.65 4.83 11.84
CA VAL A 51 20.40 5.55 11.69
C VAL A 51 20.61 7.05 11.74
N HIS A 52 20.37 7.70 10.61
CA HIS A 52 20.47 9.16 10.52
C HIS A 52 19.23 9.88 11.10
N PHE A 53 19.15 9.92 12.43
CA PHE A 53 18.04 10.52 13.17
C PHE A 53 17.73 11.97 12.83
N ASN A 54 18.67 12.64 12.17
CA ASN A 54 18.50 14.04 11.82
C ASN A 54 17.70 14.16 10.51
N GLU A 55 17.40 13.02 9.91
CA GLU A 55 16.73 13.01 8.61
C GLU A 55 15.44 12.19 8.55
N VAL A 56 14.38 12.72 9.15
CA VAL A 56 13.08 12.06 9.11
C VAL A 56 12.51 11.99 7.69
N ILE A 57 12.21 10.78 7.21
CA ILE A 57 11.63 10.68 5.87
C ILE A 57 10.14 10.32 5.88
N GLY A 58 9.60 10.16 7.08
CA GLY A 58 8.23 9.74 7.23
C GLY A 58 7.83 9.72 8.69
N ARG A 59 6.55 9.87 8.93
CA ARG A 59 6.02 9.88 10.29
C ARG A 59 4.75 9.07 10.26
N GLY A 60 4.75 7.95 10.98
CA GLY A 60 3.53 7.19 11.17
C GLY A 60 3.04 7.32 12.60
N HIS A 61 1.84 6.81 12.87
CA HIS A 61 1.30 6.92 14.21
C HIS A 61 2.13 6.13 15.22
N PHE A 62 2.79 5.06 14.76
CA PHE A 62 3.64 4.25 15.63
C PHE A 62 5.05 4.80 15.80
N GLY A 63 5.46 5.75 14.95
CA GLY A 63 6.81 6.28 15.05
C GLY A 63 7.37 6.80 13.74
N CYS A 64 8.52 7.49 13.82
CA CYS A 64 9.15 8.05 12.63
C CYS A 64 9.93 7.06 11.77
N VAL A 65 10.20 7.50 10.54
CA VAL A 65 11.01 6.75 9.59
C VAL A 65 12.20 7.61 9.20
N TYR A 66 13.39 7.05 9.35
CA TYR A 66 14.61 7.80 9.11
C TYR A 66 15.40 7.24 7.95
N HIS A 67 16.16 8.08 7.26
CA HIS A 67 17.15 7.57 6.35
C HIS A 67 18.15 6.80 7.20
N GLY A 68 18.60 5.67 6.69
CA GLY A 68 19.59 4.86 7.39
C GLY A 68 20.63 4.30 6.46
N THR A 69 21.76 3.84 7.01
CA THR A 69 22.75 3.11 6.22
C THR A 69 23.03 1.71 6.77
N LEU A 70 22.96 0.72 5.88
CA LEU A 70 23.09 -0.70 6.24
C LEU A 70 24.29 -1.35 5.57
N LEU A 71 25.06 -2.10 6.34
CA LEU A 71 26.13 -2.93 5.83
C LEU A 71 25.57 -4.31 5.45
N ASP A 72 25.52 -4.61 4.16
CA ASP A 72 24.94 -5.88 3.71
C ASP A 72 25.91 -7.04 3.94
N ASN A 73 25.46 -8.25 3.61
CA ASN A 73 26.30 -9.43 3.70
C ASN A 73 27.58 -9.32 2.86
N ASP A 74 27.44 -8.93 1.59
CA ASP A 74 28.59 -8.77 0.69
C ASP A 74 29.57 -7.69 1.19
N GLY A 75 29.21 -6.98 2.25
CA GLY A 75 30.09 -5.98 2.81
C GLY A 75 29.94 -4.63 2.13
N LYS A 76 28.86 -4.46 1.37
CA LYS A 76 28.59 -3.19 0.71
C LYS A 76 27.60 -2.35 1.49
N LYS A 77 27.88 -1.05 1.57
CA LYS A 77 26.97 -0.10 2.17
C LYS A 77 25.71 0.06 1.32
N ILE A 78 24.57 0.05 1.98
CA ILE A 78 23.30 0.20 1.29
C ILE A 78 22.38 1.19 2.02
N HIS A 79 21.59 1.94 1.25
CA HIS A 79 20.56 2.84 1.80
C HIS A 79 19.44 2.01 2.37
N CYS A 80 18.81 2.51 3.41
CA CYS A 80 17.67 1.82 3.95
C CYS A 80 16.78 2.80 4.67
N ALA A 81 15.58 2.35 4.98
CA ALA A 81 14.61 3.13 5.74
C ALA A 81 14.47 2.47 7.09
N VAL A 82 14.61 3.24 8.17
CA VAL A 82 14.49 2.66 9.50
C VAL A 82 13.26 3.20 10.20
N LYS A 83 12.41 2.29 10.65
CA LYS A 83 11.17 2.66 11.33
C LYS A 83 11.24 2.38 12.82
N SER A 84 11.08 3.42 13.62
CA SER A 84 11.07 3.27 15.08
C SER A 84 9.65 3.02 15.60
N LEU A 85 9.52 2.17 16.61
CA LEU A 85 8.21 1.88 17.14
C LEU A 85 8.02 2.42 18.57
N ASN A 86 8.58 3.59 18.85
CA ASN A 86 8.58 4.09 20.21
C ASN A 86 7.19 4.28 20.83
N ARG A 87 6.19 4.63 20.03
CA ARG A 87 4.85 4.83 20.59
C ARG A 87 4.25 3.59 21.26
N ILE A 88 4.36 2.44 20.62
CA ILE A 88 3.90 1.23 21.29
C ILE A 88 4.77 0.99 22.51
N THR A 89 4.14 1.12 23.68
CA THR A 89 4.83 1.09 24.95
C THR A 89 4.83 -0.30 25.58
N ASP A 90 3.65 -0.80 25.94
CA ASP A 90 3.55 -2.05 26.69
C ASP A 90 3.82 -3.26 25.82
N ILE A 91 2.81 -3.68 25.06
CA ILE A 91 2.90 -4.85 24.19
C ILE A 91 2.10 -4.64 22.91
N GLN A 96 5.24 -6.01 20.58
CA GLN A 96 5.36 -7.45 20.85
C GLN A 96 4.36 -8.31 20.08
N PHE A 97 3.09 -7.94 20.15
CA PHE A 97 2.05 -8.58 19.34
C PHE A 97 2.13 -8.04 17.92
N LEU A 98 2.69 -6.84 17.78
CA LEU A 98 2.96 -6.26 16.47
C LEU A 98 3.98 -7.12 15.74
N THR A 99 4.96 -7.62 16.47
CA THR A 99 6.00 -8.44 15.89
C THR A 99 5.45 -9.76 15.31
N GLU A 100 4.16 -9.99 15.48
CA GLU A 100 3.46 -11.00 14.68
C GLU A 100 3.10 -10.44 13.29
N GLY A 101 4.01 -9.63 12.75
CA GLY A 101 4.03 -9.30 11.34
C GLY A 101 5.35 -9.82 10.82
N ILE A 102 6.00 -10.66 11.65
CA ILE A 102 7.30 -11.24 11.31
C ILE A 102 7.17 -12.22 10.14
N ILE A 103 5.94 -12.59 9.82
CA ILE A 103 5.70 -13.52 8.72
C ILE A 103 6.11 -12.87 7.40
N MET A 104 6.29 -11.55 7.41
CA MET A 104 6.67 -10.81 6.22
C MET A 104 8.08 -11.15 5.77
N LYS A 105 8.86 -11.78 6.65
CA LYS A 105 10.17 -12.27 6.26
C LYS A 105 10.05 -13.34 5.19
N ASP A 106 9.01 -14.16 5.29
CA ASP A 106 8.78 -15.26 4.36
C ASP A 106 8.25 -14.78 3.01
N PHE A 107 7.89 -13.51 2.92
CA PHE A 107 7.36 -13.00 1.67
C PHE A 107 8.47 -12.60 0.74
N SER A 108 8.31 -12.90 -0.54
CA SER A 108 9.31 -12.54 -1.52
C SER A 108 8.69 -12.40 -2.90
N HIS A 109 8.68 -11.17 -3.41
CA HIS A 109 8.11 -10.83 -4.71
C HIS A 109 8.54 -9.42 -5.05
N PRO A 110 8.88 -9.15 -6.31
CA PRO A 110 9.39 -7.85 -6.76
C PRO A 110 8.45 -6.68 -6.50
N ASN A 111 7.17 -6.94 -6.29
CA ASN A 111 6.20 -5.86 -6.08
C ASN A 111 5.63 -5.76 -4.67
N VAL A 112 6.24 -6.50 -3.76
CA VAL A 112 5.88 -6.46 -2.34
C VAL A 112 7.11 -6.04 -1.55
N LEU A 113 6.92 -5.14 -0.59
CA LEU A 113 8.04 -4.62 0.21
C LEU A 113 8.63 -5.72 1.09
N SER A 114 9.93 -5.94 0.93
CA SER A 114 10.65 -6.91 1.76
C SER A 114 11.14 -6.30 3.06
N LEU A 115 11.32 -7.15 4.07
CA LEU A 115 11.92 -6.77 5.34
C LEU A 115 13.41 -7.03 5.27
N LEU A 116 14.23 -6.02 5.55
CA LEU A 116 15.68 -6.22 5.58
C LEU A 116 16.10 -6.84 6.92
N GLY A 117 15.41 -6.44 7.98
CA GLY A 117 15.68 -6.96 9.31
C GLY A 117 15.18 -6.05 10.42
N ILE A 118 15.38 -6.51 11.66
CA ILE A 118 15.07 -5.69 12.84
C ILE A 118 16.35 -5.47 13.64
N CYS A 119 16.44 -4.32 14.30
CA CYS A 119 17.56 -4.03 15.17
C CYS A 119 17.04 -3.73 16.56
N LEU A 120 17.46 -4.51 17.54
CA LEU A 120 17.00 -4.34 18.91
C LEU A 120 17.67 -3.16 19.63
N ARG A 121 18.92 -3.37 20.03
CA ARG A 121 19.69 -2.37 20.77
C ARG A 121 19.11 -2.06 22.16
N SER A 125 13.60 1.11 22.13
CA SER A 125 12.70 1.18 20.97
C SER A 125 13.19 0.29 19.83
N PRO A 126 12.50 -0.85 19.61
CA PRO A 126 12.86 -1.80 18.54
C PRO A 126 12.76 -1.11 17.18
N LEU A 127 13.69 -1.40 16.27
CA LEU A 127 13.75 -0.72 14.99
C LEU A 127 13.55 -1.68 13.82
N VAL A 128 12.82 -1.22 12.80
CA VAL A 128 12.57 -2.03 11.63
C VAL A 128 13.36 -1.49 10.46
N VAL A 129 14.12 -2.35 9.79
CA VAL A 129 14.93 -1.90 8.68
C VAL A 129 14.37 -2.39 7.34
N LEU A 130 14.10 -1.43 6.46
CA LEU A 130 13.37 -1.64 5.22
C LEU A 130 14.13 -1.00 4.05
N PRO A 131 13.87 -1.45 2.82
CA PRO A 131 14.58 -0.84 1.70
C PRO A 131 14.16 0.60 1.47
N TYR A 132 15.11 1.40 0.98
CA TYR A 132 14.90 2.81 0.71
C TYR A 132 14.13 2.97 -0.58
N MET A 133 13.08 3.78 -0.54
CA MET A 133 12.27 3.99 -1.73
C MET A 133 12.46 5.40 -2.25
N LYS A 134 13.28 5.53 -3.30
CA LYS A 134 13.71 6.82 -3.83
C LYS A 134 12.58 7.82 -4.06
N HIS A 135 11.45 7.36 -4.58
CA HIS A 135 10.39 8.29 -4.97
C HIS A 135 9.19 8.35 -4.02
N GLY A 136 9.35 7.82 -2.80
CA GLY A 136 8.31 7.89 -1.79
C GLY A 136 7.05 7.14 -2.17
N ASP A 137 5.91 7.60 -1.67
CA ASP A 137 4.65 6.93 -1.98
C ASP A 137 4.18 7.28 -3.36
N LEU A 138 3.58 6.30 -4.01
CA LEU A 138 3.02 6.43 -5.35
C LEU A 138 2.16 7.68 -5.52
N ARG A 139 1.29 7.95 -4.55
CA ARG A 139 0.36 9.07 -4.70
C ARG A 139 1.07 10.43 -4.72
N ASN A 140 2.01 10.64 -3.79
CA ASN A 140 2.83 11.85 -3.83
C ASN A 140 3.60 11.98 -5.15
N PHE A 141 4.16 10.87 -5.64
CA PHE A 141 4.93 10.94 -6.86
C PHE A 141 4.11 11.43 -8.05
N ILE A 142 2.91 10.89 -8.22
CA ILE A 142 2.07 11.28 -9.36
C ILE A 142 1.41 12.65 -9.16
N ARG A 143 1.30 13.10 -7.91
CA ARG A 143 0.68 14.40 -7.64
C ARG A 143 1.65 15.54 -7.91
N ASN A 144 2.93 15.22 -7.94
CA ASN A 144 3.96 16.25 -8.14
C ASN A 144 3.98 16.82 -9.54
N GLU A 145 3.65 18.10 -9.67
CA GLU A 145 3.55 18.73 -10.99
C GLU A 145 4.85 18.74 -11.79
N THR A 146 5.99 18.63 -11.12
CA THR A 146 7.26 18.57 -11.85
C THR A 146 7.63 17.17 -12.31
N HIS A 147 6.67 16.25 -12.27
CA HIS A 147 6.89 14.92 -12.78
C HIS A 147 6.02 14.76 -14.00
N ASN A 148 6.46 13.90 -14.93
CA ASN A 148 5.74 13.69 -16.18
C ASN A 148 5.50 12.21 -16.48
N PRO A 149 4.76 11.54 -15.61
CA PRO A 149 4.42 10.15 -15.96
C PRO A 149 3.47 10.14 -17.15
N THR A 150 3.71 9.23 -18.08
CA THR A 150 2.80 9.18 -19.22
C THR A 150 1.59 8.37 -18.84
N VAL A 151 0.59 8.38 -19.72
CA VAL A 151 -0.56 7.54 -19.58
C VAL A 151 -0.15 6.08 -19.44
N LYS A 152 0.91 5.68 -20.15
CA LYS A 152 1.35 4.29 -20.13
C LYS A 152 2.11 3.91 -18.85
N ASP A 153 2.90 4.86 -18.33
CA ASP A 153 3.51 4.72 -17.01
C ASP A 153 2.42 4.45 -15.97
N LEU A 154 1.37 5.25 -16.03
CA LEU A 154 0.31 5.18 -15.03
C LEU A 154 -0.33 3.80 -15.02
N ILE A 155 -0.57 3.25 -16.21
CA ILE A 155 -1.15 1.90 -16.29
C ILE A 155 -0.18 0.82 -15.80
N GLY A 156 1.08 0.95 -16.15
CA GLY A 156 2.10 0.05 -15.64
C GLY A 156 2.21 0.03 -14.12
N PHE A 157 2.16 1.20 -13.48
CA PHE A 157 2.15 1.26 -12.03
C PHE A 157 0.98 0.42 -11.53
N GLY A 158 -0.18 0.60 -12.17
CA GLY A 158 -1.36 -0.19 -11.84
C GLY A 158 -1.13 -1.68 -11.98
N LEU A 159 -0.50 -2.11 -13.08
CA LEU A 159 -0.22 -3.54 -13.29
C LEU A 159 0.72 -4.11 -12.23
N GLN A 160 1.79 -3.37 -11.94
CA GLN A 160 2.74 -3.72 -10.89
C GLN A 160 2.05 -3.98 -9.56
N VAL A 161 1.12 -3.11 -9.18
CA VAL A 161 0.37 -3.33 -7.94
C VAL A 161 -0.47 -4.60 -8.03
N ALA A 162 -1.13 -4.77 -9.17
CA ALA A 162 -1.93 -5.97 -9.40
C ALA A 162 -1.08 -7.21 -9.18
N LYS A 163 0.15 -7.19 -9.67
CA LYS A 163 1.01 -8.35 -9.47
C LYS A 163 1.35 -8.61 -8.01
N GLY A 164 1.71 -7.56 -7.26
CA GLY A 164 1.96 -7.68 -5.83
C GLY A 164 0.74 -8.22 -5.10
N MET A 165 -0.43 -7.74 -5.47
CA MET A 165 -1.66 -8.19 -4.81
C MET A 165 -1.98 -9.64 -5.19
N LYS A 166 -1.66 -10.01 -6.42
CA LYS A 166 -1.79 -11.41 -6.85
C LYS A 166 -1.00 -12.32 -5.93
N TYR A 167 0.31 -12.05 -5.82
CA TYR A 167 1.18 -12.74 -4.87
C TYR A 167 0.61 -12.81 -3.43
N LEU A 168 0.19 -11.67 -2.88
CA LEU A 168 -0.32 -11.63 -1.52
C LEU A 168 -1.60 -12.45 -1.38
N ALA A 169 -2.45 -12.38 -2.39
CA ALA A 169 -3.72 -13.11 -2.36
C ALA A 169 -3.46 -14.63 -2.29
N SER A 170 -2.47 -15.09 -3.04
CA SER A 170 -2.18 -16.51 -3.09
C SER A 170 -1.59 -17.04 -1.78
N LYS A 171 -0.98 -16.16 -1.01
CA LYS A 171 -0.46 -16.53 0.30
C LYS A 171 -1.55 -16.33 1.32
N LYS A 172 -2.76 -16.10 0.82
CA LYS A 172 -3.92 -15.97 1.69
C LYS A 172 -3.75 -14.76 2.61
N PHE A 173 -2.97 -13.78 2.14
CA PHE A 173 -2.81 -12.54 2.89
C PHE A 173 -3.81 -11.48 2.41
N VAL A 174 -4.60 -10.96 3.34
CA VAL A 174 -5.50 -9.86 3.03
C VAL A 174 -4.86 -8.56 3.56
N HIS A 175 -4.74 -7.55 2.71
CA HIS A 175 -4.04 -6.30 3.04
C HIS A 175 -4.85 -5.38 3.95
N ARG A 176 -6.08 -5.07 3.54
CA ARG A 176 -7.03 -4.27 4.34
C ARG A 176 -6.90 -2.75 4.21
N ASP A 177 -5.82 -2.26 3.59
CA ASP A 177 -5.63 -0.83 3.41
C ASP A 177 -4.86 -0.50 2.10
N LEU A 178 -5.22 -1.15 1.00
CA LEU A 178 -4.59 -0.86 -0.29
C LEU A 178 -5.04 0.51 -0.78
N ALA A 179 -4.08 1.37 -1.10
CA ALA A 179 -4.36 2.69 -1.67
C ALA A 179 -3.07 3.26 -2.28
N ALA A 180 -3.19 4.32 -3.08
CA ALA A 180 -2.02 4.82 -3.78
C ALA A 180 -0.96 5.33 -2.81
N ARG A 181 -1.40 5.86 -1.67
CA ARG A 181 -0.53 6.42 -0.65
C ARG A 181 0.22 5.33 0.12
N ASN A 182 -0.21 4.08 -0.05
CA ASN A 182 0.45 2.96 0.63
C ASN A 182 1.22 2.04 -0.31
N CYS A 183 1.54 2.54 -1.49
CA CYS A 183 2.48 1.86 -2.39
C CYS A 183 3.71 2.73 -2.57
N MET A 184 4.88 2.10 -2.63
CA MET A 184 6.12 2.86 -2.72
C MET A 184 6.77 2.62 -4.07
N LEU A 185 7.64 3.54 -4.49
CA LEU A 185 8.23 3.55 -5.83
C LEU A 185 9.74 3.67 -5.70
N ASP A 186 10.51 2.64 -6.08
CA ASP A 186 11.98 2.76 -5.90
C ASP A 186 12.67 3.45 -7.06
N GLU A 187 14.00 3.45 -7.04
CA GLU A 187 14.77 4.12 -8.10
C GLU A 187 14.54 3.48 -9.48
N LYS A 188 14.42 2.16 -9.50
CA LYS A 188 14.16 1.44 -10.75
C LYS A 188 12.71 1.62 -11.22
N PHE A 189 11.98 2.53 -10.57
CA PHE A 189 10.56 2.80 -10.80
CA PHE A 189 10.58 2.77 -10.97
C PHE A 189 9.71 1.54 -10.68
N THR A 190 10.13 0.71 -9.73
CA THR A 190 9.39 -0.49 -9.31
C THR A 190 8.47 -0.17 -8.13
N VAL A 191 7.18 -0.48 -8.28
CA VAL A 191 6.22 -0.21 -7.22
C VAL A 191 6.25 -1.35 -6.21
N LYS A 192 6.28 -1.02 -4.93
CA LYS A 192 6.19 -2.03 -3.87
C LYS A 192 4.91 -1.78 -3.10
N VAL A 193 4.09 -2.82 -2.96
CA VAL A 193 2.95 -2.79 -2.05
C VAL A 193 3.53 -2.73 -0.64
N ALA A 194 3.15 -1.71 0.13
CA ALA A 194 3.69 -1.57 1.49
C ALA A 194 2.58 -1.53 2.56
N ASP A 195 2.86 -0.84 3.66
CA ASP A 195 1.89 -0.69 4.76
C ASP A 195 1.27 -2.04 5.14
N PHE A 196 2.11 -3.05 5.31
CA PHE A 196 1.64 -4.32 5.82
C PHE A 196 2.76 -4.87 6.69
N GLY A 197 2.44 -5.82 7.55
CA GLY A 197 3.44 -6.40 8.42
C GLY A 197 4.02 -5.37 9.36
N LEU A 198 5.34 -5.42 9.54
CA LEU A 198 5.99 -4.50 10.47
C LEU A 198 5.98 -3.07 9.97
N ALA A 199 5.59 -2.88 8.70
CA ALA A 199 5.48 -1.54 8.14
C ALA A 199 4.05 -0.99 8.23
N ARG A 200 3.14 -1.74 8.85
CA ARG A 200 1.76 -1.26 8.98
C ARG A 200 1.62 -0.09 9.94
N ASP A 201 1.01 0.99 9.44
CA ASP A 201 0.78 2.20 10.21
C ASP A 201 -0.11 3.11 9.40
N MET A 202 -0.51 4.23 9.99
CA MET A 202 -1.17 5.31 9.27
C MET A 202 -0.16 6.41 9.01
N TYR A 203 0.08 6.74 7.75
CA TYR A 203 1.04 7.79 7.45
C TYR A 203 0.32 9.06 7.05
N ASP A 204 -1.00 8.98 6.96
CA ASP A 204 -1.80 10.11 6.53
C ASP A 204 -3.22 9.92 7.10
N LYS A 205 -3.43 10.42 8.32
CA LYS A 205 -4.66 10.18 9.06
C LYS A 205 -5.90 10.91 8.49
N GLU A 206 -5.69 11.79 7.52
CA GLU A 206 -6.76 12.53 6.87
C GLU A 206 -7.95 11.67 6.43
N TYR A 207 -7.68 10.46 5.96
CA TYR A 207 -8.73 9.63 5.36
C TYR A 207 -9.16 8.45 6.25
N TYR A 208 -8.73 8.44 7.50
CA TYR A 208 -9.11 7.37 8.42
C TYR A 208 -10.10 7.79 9.48
N SER A 209 -11.02 6.88 9.79
CA SER A 209 -11.87 7.00 10.95
C SER A 209 -11.43 5.93 11.90
N VAL A 210 -11.43 6.24 13.20
CA VAL A 210 -11.03 5.28 14.20
C VAL A 210 -12.29 4.73 14.88
N HIS A 211 -12.49 3.42 14.82
CA HIS A 211 -13.80 2.87 15.22
C HIS A 211 -14.28 3.15 16.65
N ASN A 212 -13.35 3.31 17.58
CA ASN A 212 -13.70 3.70 18.95
C ASN A 212 -14.24 2.59 19.87
N LYS A 213 -14.81 1.54 19.26
CA LYS A 213 -15.18 0.34 19.99
C LYS A 213 -14.06 -0.70 19.85
N THR A 214 -13.53 -0.84 18.64
CA THR A 214 -12.42 -1.77 18.41
C THR A 214 -11.08 -1.05 18.20
N GLY A 215 -11.13 0.23 17.88
CA GLY A 215 -9.91 0.97 17.62
C GLY A 215 -9.40 0.76 16.21
N ALA A 216 -10.10 -0.08 15.45
CA ALA A 216 -9.78 -0.33 14.05
C ALA A 216 -9.74 0.97 13.26
N LYS A 217 -8.77 1.04 12.36
CA LYS A 217 -8.58 2.21 11.53
C LYS A 217 -9.21 1.98 10.14
N LEU A 218 -10.17 2.82 9.80
CA LEU A 218 -11.00 2.58 8.62
C LEU A 218 -10.86 3.68 7.58
N PRO A 219 -10.29 3.34 6.42
CA PRO A 219 -10.12 4.27 5.30
C PRO A 219 -11.39 4.22 4.44
N VAL A 220 -12.38 4.97 4.89
CA VAL A 220 -13.76 4.79 4.49
C VAL A 220 -13.96 4.89 2.98
N LYS A 221 -13.30 5.84 2.32
CA LYS A 221 -13.50 6.02 0.89
C LYS A 221 -12.78 5.00 0.00
N TRP A 222 -12.02 4.09 0.61
CA TRP A 222 -11.38 3.02 -0.14
C TRP A 222 -12.05 1.69 0.17
N MET A 223 -12.91 1.69 1.18
CA MET A 223 -13.50 0.43 1.65
C MET A 223 -14.64 -0.11 0.78
N ALA A 224 -14.58 -1.40 0.50
CA ALA A 224 -15.70 -2.11 -0.13
C ALA A 224 -17.02 -1.88 0.60
N LEU A 225 -18.12 -1.85 -0.14
CA LEU A 225 -19.46 -1.67 0.45
C LEU A 225 -19.75 -2.61 1.63
N GLU A 226 -19.50 -3.91 1.45
CA GLU A 226 -19.77 -4.84 2.53
C GLU A 226 -18.90 -4.56 3.76
N SER A 227 -17.73 -3.96 3.53
CA SER A 227 -16.83 -3.61 4.63
C SER A 227 -17.38 -2.45 5.47
N LEU A 228 -17.98 -1.47 4.82
CA LEU A 228 -18.52 -0.34 5.57
C LEU A 228 -19.68 -0.84 6.46
N GLN A 229 -20.35 -1.89 6.01
CA GLN A 229 -21.53 -2.39 6.70
C GLN A 229 -21.18 -3.36 7.82
N THR A 230 -20.23 -4.25 7.57
CA THR A 230 -19.89 -5.29 8.52
C THR A 230 -18.53 -5.08 9.23
N GLN A 231 -17.70 -4.21 8.67
CA GLN A 231 -16.38 -3.92 9.23
C GLN A 231 -15.42 -5.11 9.20
N LYS A 232 -15.59 -6.00 8.22
CA LYS A 232 -14.62 -7.07 7.97
C LYS A 232 -14.06 -7.03 6.54
N PHE A 233 -12.86 -7.59 6.36
CA PHE A 233 -12.09 -7.38 5.13
C PHE A 233 -11.66 -8.70 4.52
N THR A 234 -11.78 -8.80 3.18
CA THR A 234 -11.36 -9.99 2.44
C THR A 234 -10.57 -9.58 1.21
N THR A 235 -9.99 -10.58 0.54
CA THR A 235 -9.34 -10.37 -0.75
C THR A 235 -10.23 -9.62 -1.76
N LYS A 236 -11.52 -9.94 -1.74
CA LYS A 236 -12.50 -9.28 -2.59
C LYS A 236 -12.71 -7.84 -2.19
N SER A 237 -12.52 -7.52 -0.91
CA SER A 237 -12.57 -6.12 -0.52
C SER A 237 -11.25 -5.41 -0.89
N ASP A 238 -10.16 -6.17 -0.90
CA ASP A 238 -8.90 -5.64 -1.42
C ASP A 238 -9.06 -5.26 -2.90
N VAL A 239 -9.83 -6.09 -3.63
CA VAL A 239 -10.07 -5.87 -5.05
C VAL A 239 -10.87 -4.60 -5.30
N TRP A 240 -11.88 -4.35 -4.46
CA TRP A 240 -12.60 -3.07 -4.52
C TRP A 240 -11.62 -1.90 -4.29
N SER A 241 -10.75 -2.00 -3.30
CA SER A 241 -9.79 -0.91 -3.04
C SER A 241 -8.84 -0.74 -4.18
N PHE A 242 -8.41 -1.87 -4.77
CA PHE A 242 -7.48 -1.79 -5.90
C PHE A 242 -8.08 -0.96 -7.03
N GLY A 243 -9.38 -1.17 -7.27
CA GLY A 243 -10.10 -0.34 -8.22
C GLY A 243 -9.96 1.15 -7.95
N VAL A 244 -10.20 1.57 -6.70
CA VAL A 244 -9.99 2.96 -6.29
C VAL A 244 -8.53 3.42 -6.55
N LEU A 245 -7.58 2.59 -6.14
CA LEU A 245 -6.18 2.82 -6.48
C LEU A 245 -5.98 3.12 -7.98
N LEU A 246 -6.56 2.29 -8.86
CA LEU A 246 -6.45 2.52 -10.30
C LEU A 246 -6.96 3.90 -10.65
N TRP A 247 -8.14 4.21 -10.15
CA TRP A 247 -8.75 5.50 -10.42
C TRP A 247 -7.82 6.62 -9.94
N GLU A 248 -7.15 6.42 -8.79
CA GLU A 248 -6.21 7.42 -8.28
C GLU A 248 -5.08 7.64 -9.29
N LEU A 249 -4.57 6.55 -9.86
CA LEU A 249 -3.51 6.61 -10.85
C LEU A 249 -3.92 7.44 -12.08
N MET A 250 -5.04 7.07 -12.70
CA MET A 250 -5.46 7.76 -13.92
C MET A 250 -5.84 9.24 -13.73
N THR A 251 -6.24 9.63 -12.51
CA THR A 251 -6.45 11.06 -12.21
C THR A 251 -5.17 11.74 -11.67
N ARG A 252 -4.08 10.98 -11.61
CA ARG A 252 -2.83 11.41 -10.98
C ARG A 252 -3.06 11.92 -9.55
N GLY A 253 -3.77 11.09 -8.77
CA GLY A 253 -3.96 11.30 -7.35
C GLY A 253 -5.01 12.31 -6.93
N ALA A 254 -6.12 12.37 -7.65
CA ALA A 254 -7.26 13.16 -7.20
C ALA A 254 -7.89 12.46 -5.99
N PRO A 255 -8.55 13.24 -5.12
CA PRO A 255 -9.26 12.64 -3.99
C PRO A 255 -10.56 12.00 -4.43
N PRO A 256 -10.82 10.75 -4.00
CA PRO A 256 -12.07 10.09 -4.44
C PRO A 256 -13.30 10.71 -3.80
N TYR A 257 -14.40 10.73 -4.54
CA TYR A 257 -15.69 11.27 -4.09
C TYR A 257 -15.56 12.60 -3.34
N PRO A 258 -14.96 13.62 -3.98
CA PRO A 258 -14.73 14.89 -3.29
C PRO A 258 -16.01 15.57 -2.82
N ASP A 259 -17.16 15.27 -3.43
CA ASP A 259 -18.39 15.96 -3.08
C ASP A 259 -19.32 15.11 -2.22
N VAL A 260 -18.87 13.93 -1.85
CA VAL A 260 -19.66 13.11 -0.97
C VAL A 260 -19.02 13.05 0.40
N ASN A 261 -19.75 13.49 1.42
CA ASN A 261 -19.24 13.43 2.78
C ASN A 261 -19.17 12.00 3.27
N THR A 262 -18.25 11.77 4.21
CA THR A 262 -18.00 10.45 4.79
C THR A 262 -19.23 9.66 5.27
N PHE A 263 -20.19 10.34 5.89
CA PHE A 263 -21.42 9.66 6.29
C PHE A 263 -22.22 9.12 5.09
N ASP A 264 -22.48 9.96 4.10
CA ASP A 264 -23.34 9.60 2.96
C ASP A 264 -22.78 8.53 2.01
N ILE A 265 -21.48 8.25 2.09
CA ILE A 265 -20.80 7.34 1.17
C ILE A 265 -21.56 6.02 1.00
N THR A 266 -22.22 5.56 2.05
CA THR A 266 -22.81 4.24 2.01
C THR A 266 -24.08 4.22 1.14
N VAL A 267 -25.02 5.14 1.38
CA VAL A 267 -26.19 5.18 0.50
C VAL A 267 -25.77 5.55 -0.92
N TYR A 268 -24.68 6.29 -1.04
CA TYR A 268 -24.16 6.66 -2.34
C TYR A 268 -23.85 5.36 -3.11
N LEU A 269 -23.13 4.47 -2.46
CA LEU A 269 -22.79 3.18 -3.05
C LEU A 269 -24.01 2.28 -3.21
N LEU A 270 -24.96 2.37 -2.27
CA LEU A 270 -26.11 1.49 -2.30
C LEU A 270 -26.93 1.81 -3.54
N GLN A 271 -27.02 3.09 -3.86
CA GLN A 271 -27.75 3.54 -5.04
C GLN A 271 -27.05 3.19 -6.37
N GLY A 272 -25.88 2.58 -6.31
CA GLY A 272 -25.18 2.21 -7.52
C GLY A 272 -24.27 3.28 -8.10
N ARG A 273 -24.26 4.48 -7.54
CA ARG A 273 -23.29 5.47 -7.98
C ARG A 273 -21.87 4.99 -7.69
N ARG A 274 -20.95 5.38 -8.57
CA ARG A 274 -19.55 4.94 -8.52
C ARG A 274 -18.67 6.09 -9.00
N LEU A 275 -17.36 5.95 -8.83
CA LEU A 275 -16.44 6.97 -9.33
C LEU A 275 -16.54 7.09 -10.85
N LEU A 276 -16.60 8.31 -11.36
CA LEU A 276 -16.68 8.54 -12.82
C LEU A 276 -15.35 8.31 -13.55
N GLN A 277 -15.44 8.09 -14.86
CA GLN A 277 -14.24 7.85 -15.65
C GLN A 277 -13.39 9.12 -15.78
N PRO A 278 -12.10 9.00 -15.47
CA PRO A 278 -11.18 10.15 -15.60
C PRO A 278 -11.03 10.53 -17.06
N GLU A 279 -10.77 11.80 -17.35
CA GLU A 279 -10.64 12.32 -18.72
C GLU A 279 -9.72 11.48 -19.59
N TYR A 280 -8.63 10.99 -19.01
CA TYR A 280 -7.62 10.30 -19.80
C TYR A 280 -7.46 8.81 -19.47
N CYS A 281 -8.49 8.21 -18.91
CA CYS A 281 -8.48 6.79 -18.66
C CYS A 281 -9.10 6.05 -19.84
N PRO A 282 -8.30 5.22 -20.51
CA PRO A 282 -8.81 4.48 -21.66
C PRO A 282 -10.05 3.71 -21.27
N ASP A 283 -11.05 3.69 -22.15
CA ASP A 283 -12.31 2.98 -21.89
C ASP A 283 -12.16 1.58 -21.30
N PRO A 284 -11.26 0.74 -21.85
CA PRO A 284 -11.21 -0.63 -21.29
C PRO A 284 -10.75 -0.65 -19.84
N LEU A 285 -9.85 0.25 -19.46
CA LEU A 285 -9.36 0.29 -18.08
C LEU A 285 -10.46 0.72 -17.09
N TYR A 286 -11.26 1.71 -17.46
CA TYR A 286 -12.40 2.11 -16.62
C TYR A 286 -13.32 0.94 -16.40
N GLU A 287 -13.44 0.11 -17.44
CA GLU A 287 -14.30 -1.05 -17.43
C GLU A 287 -13.77 -1.98 -16.36
N VAL A 288 -12.44 -2.11 -16.29
CA VAL A 288 -11.84 -2.92 -15.23
C VAL A 288 -12.16 -2.37 -13.82
N MET A 289 -12.12 -1.04 -13.66
CA MET A 289 -12.47 -0.44 -12.38
C MET A 289 -13.90 -0.80 -11.96
N LEU A 290 -14.85 -0.70 -12.90
CA LEU A 290 -16.24 -0.98 -12.55
C LEU A 290 -16.42 -2.40 -12.02
N LYS A 291 -15.68 -3.35 -12.57
CA LYS A 291 -15.77 -4.74 -12.16
C LYS A 291 -15.33 -4.88 -10.70
N CYS A 292 -14.38 -4.05 -10.29
CA CYS A 292 -13.83 -4.12 -8.94
C CYS A 292 -14.84 -3.67 -7.91
N TRP A 293 -15.85 -2.91 -8.34
CA TRP A 293 -16.81 -2.32 -7.42
C TRP A 293 -18.21 -2.92 -7.53
N HIS A 294 -18.29 -4.15 -8.03
CA HIS A 294 -19.57 -4.83 -8.10
C HIS A 294 -20.05 -5.06 -6.68
N PRO A 295 -21.38 -4.88 -6.43
CA PRO A 295 -21.91 -4.99 -5.06
C PRO A 295 -21.82 -6.41 -4.52
N LYS A 296 -21.59 -7.36 -5.41
CA LYS A 296 -21.45 -8.76 -5.00
C LYS A 296 -19.98 -9.13 -5.05
N ALA A 297 -19.40 -9.36 -3.88
CA ALA A 297 -17.97 -9.63 -3.76
C ALA A 297 -17.51 -10.76 -4.67
N GLU A 298 -18.25 -11.87 -4.67
CA GLU A 298 -17.88 -13.03 -5.47
C GLU A 298 -17.89 -12.72 -6.96
N MET A 299 -18.66 -11.71 -7.34
CA MET A 299 -18.76 -11.28 -8.72
C MET A 299 -17.53 -10.51 -9.21
N ARG A 300 -16.74 -9.98 -8.27
CA ARG A 300 -15.53 -9.24 -8.61
C ARG A 300 -14.43 -10.14 -9.16
N PRO A 301 -13.59 -9.61 -10.05
CA PRO A 301 -12.48 -10.43 -10.57
C PRO A 301 -11.45 -10.75 -9.51
N SER A 302 -10.72 -11.83 -9.71
CA SER A 302 -9.60 -12.16 -8.85
C SER A 302 -8.45 -11.23 -9.21
N PHE A 303 -7.41 -11.20 -8.39
CA PHE A 303 -6.22 -10.43 -8.73
C PHE A 303 -5.51 -11.04 -9.92
N SER A 304 -5.72 -12.33 -10.11
CA SER A 304 -5.12 -13.05 -11.22
C SER A 304 -5.79 -12.63 -12.54
N GLU A 305 -7.11 -12.49 -12.52
CA GLU A 305 -7.80 -11.97 -13.69
C GLU A 305 -7.37 -10.53 -13.94
N LEU A 306 -7.23 -9.74 -12.87
CA LEU A 306 -6.79 -8.36 -13.02
C LEU A 306 -5.39 -8.29 -13.65
N VAL A 307 -4.53 -9.25 -13.34
CA VAL A 307 -3.21 -9.25 -13.96
C VAL A 307 -3.28 -9.49 -15.47
N SER A 308 -4.13 -10.43 -15.89
CA SER A 308 -4.34 -10.69 -17.33
C SER A 308 -4.88 -9.47 -18.07
N ARG A 309 -6.01 -8.95 -17.60
CA ARG A 309 -6.65 -7.81 -18.25
C ARG A 309 -5.74 -6.58 -18.35
N ILE A 310 -5.11 -6.18 -17.25
CA ILE A 310 -4.31 -4.95 -17.29
C ILE A 310 -3.08 -5.14 -18.19
N SER A 311 -2.50 -6.33 -18.12
CA SER A 311 -1.32 -6.62 -18.94
C SER A 311 -1.67 -6.54 -20.42
N ALA A 312 -2.79 -7.14 -20.81
CA ALA A 312 -3.28 -7.01 -22.17
C ALA A 312 -3.42 -5.54 -22.58
N ILE A 313 -4.08 -4.75 -21.74
CA ILE A 313 -4.28 -3.33 -21.99
C ILE A 313 -2.95 -2.59 -22.09
N PHE A 314 -1.99 -2.97 -21.24
CA PHE A 314 -0.69 -2.31 -21.21
C PHE A 314 0.05 -2.47 -22.55
N SER A 315 -0.21 -3.58 -23.22
CA SER A 315 0.46 -3.95 -24.48
C SER A 315 -0.26 -3.45 -25.74
N THR A 316 -1.57 -3.49 -25.75
CA THR A 316 -2.36 -2.92 -26.84
C THR A 316 -2.10 -1.42 -27.01
N PHE A 317 -2.82 -0.79 -27.95
CA PHE A 317 -2.67 0.62 -28.36
C PHE A 317 -1.66 0.76 -29.51
CAQ 0J3 B . 10.37 9.80 1.40
CAO 0J3 B . 10.32 10.89 0.37
NBD 0J3 B . 11.63 11.56 0.16
CAA 0J3 B . 11.87 12.89 0.60
CAP 0J3 B . 12.75 10.60 -0.01
CAR 0J3 B . 12.34 9.18 0.20
NBE 0J3 B . 11.51 9.06 1.28
CAX 0J3 B . 11.20 7.67 1.71
CAM 0J3 B . 10.17 7.36 2.58
CBB 0J3 B . 9.95 6.00 2.92
CAJ 0J3 B . 12.02 6.62 1.19
NAT 0J3 B . 11.78 5.37 1.52
CBA 0J3 B . 10.78 5.03 2.36
CAN 0J3 B . 10.59 3.66 2.66
CAY 0J3 B . 9.57 3.27 3.52
CBF 0J3 B . 9.36 1.78 3.82
FAE 0J3 B . 8.16 1.44 3.27
FAF 0J3 B . 10.27 1.05 3.23
FAD 0J3 B . 9.33 1.53 5.11
CAL 0J3 B . 8.70 4.27 4.11
CAZ 0J3 B . 8.88 5.59 3.81
NAU 0J3 B . 8.01 6.59 4.40
CAS 0J3 B . 6.86 6.18 5.20
CAV 0J3 B . 5.67 5.75 4.35
CAK 0J3 B . 5.31 4.38 4.29
CAH 0J3 B . 4.97 6.72 3.62
CAG 0J3 B . 3.87 6.34 2.82
CAI 0J3 B . 3.49 4.97 2.77
CAW 0J3 B . 4.22 4.01 3.50
NBC 0J3 B . 3.82 2.64 3.44
OAC 0J3 B . 2.98 2.30 2.51
OAB 0J3 B . 4.29 1.73 4.27
#